data_3C5H
#
_entry.id   3C5H
#
_cell.length_a   108.959
_cell.length_b   108.959
_cell.length_c   51.319
_cell.angle_alpha   90.000
_cell.angle_beta   90.000
_cell.angle_gamma   90.000
#
_symmetry.space_group_name_H-M   'I 4'
#
loop_
_entity.id
_entity.type
_entity.pdbx_description
1 polymer 'Glucocorticoid receptor DNA-binding factor 1'
2 non-polymer 'MAGNESIUM ION'
3 non-polymer 'PHOSPHOAMINOPHOSPHONIC ACID-GUANYLATE ESTER'
4 non-polymer 'UNKNOWN ATOM OR ION'
5 water water
#
_entity_poly.entity_id   1
_entity_poly.type   'polypeptide(L)'
_entity_poly.pdbx_seq_one_letter_code
;MHHHHHHSSGRENLYFQGTYNISVVGLSGTEKEKGQCGIGKSCLCNRFVRPSADEFHLDHTSVLSTSDFGGRVVNNDHFL
YWGEVSRSLEDCVECKMHIVEQTEFIDDQTFQPHRSTALQPYIKRAAATKLASAEKLMYFCTDQLGLEQDFEQKQMPDGK
LLVDGFLLGIDVSRGMNRNFDDQLKFVSNLYNQLAKTKKPIVVVLTKCDEGVERYIRDAHTFALSKKNLQVVETSARSNV
NVDLAFSTLVQLIDK
;
_entity_poly.pdbx_strand_id   A
#
# COMPACT_ATOMS: atom_id res chain seq x y z
N ARG A 11 -23.36 4.60 -4.01
CA ARG A 11 -24.52 3.66 -3.92
C ARG A 11 -24.42 2.55 -4.97
N GLU A 12 -24.91 1.40 -4.56
CA GLU A 12 -24.62 0.15 -5.22
C GLU A 12 -25.30 0.06 -6.60
N ASN A 13 -26.39 0.80 -6.77
CA ASN A 13 -27.19 0.71 -8.00
C ASN A 13 -26.59 1.52 -9.16
N LEU A 14 -25.62 2.37 -8.86
CA LEU A 14 -25.00 3.20 -9.89
C LEU A 14 -23.96 2.45 -10.73
N TYR A 15 -23.83 2.89 -11.99
CA TYR A 15 -22.92 2.31 -12.91
C TYR A 15 -21.47 2.48 -12.43
N PHE A 16 -21.07 3.75 -12.25
CA PHE A 16 -19.75 4.14 -11.68
C PHE A 16 -20.01 4.69 -10.32
N GLN A 17 -19.33 4.19 -9.29
CA GLN A 17 -19.45 4.81 -7.98
C GLN A 17 -18.67 6.15 -7.92
N GLY A 18 -17.73 6.38 -8.83
CA GLY A 18 -17.13 7.69 -9.02
C GLY A 18 -15.94 7.99 -8.09
N THR A 19 -16.05 7.59 -6.82
CA THR A 19 -14.90 7.62 -5.89
C THR A 19 -14.48 6.20 -5.48
N TYR A 20 -13.16 5.96 -5.42
CA TYR A 20 -12.58 4.61 -5.23
C TYR A 20 -11.47 4.75 -4.18
N ASN A 21 -11.69 4.15 -3.03
CA ASN A 21 -10.66 4.13 -1.98
C ASN A 21 -9.91 2.84 -2.08
N ILE A 22 -8.62 2.94 -2.38
CA ILE A 22 -7.79 1.77 -2.71
C ILE A 22 -6.71 1.64 -1.63
N SER A 23 -6.60 0.43 -1.07
CA SER A 23 -5.62 0.16 -0.04
C SER A 23 -4.57 -0.77 -0.65
N VAL A 24 -3.31 -0.33 -0.57
CA VAL A 24 -2.17 -1.07 -1.05
C VAL A 24 -1.49 -1.76 0.13
N VAL A 25 -1.38 -3.08 0.05
CA VAL A 25 -0.93 -3.97 1.13
C VAL A 25 0.10 -4.95 0.60
N GLY A 26 0.85 -5.59 1.49
CA GLY A 26 1.88 -6.54 1.11
C GLY A 26 2.73 -6.85 2.35
N LEU A 27 3.71 -7.72 2.21
CA LEU A 27 4.64 -8.00 3.33
C LEU A 27 5.12 -6.68 3.94
N SER A 28 4.99 -6.56 5.27
CA SER A 28 5.42 -5.34 5.94
C SER A 28 5.89 -5.76 7.34
N GLY A 29 6.68 -4.89 7.96
CA GLY A 29 7.12 -5.06 9.36
C GLY A 29 8.39 -4.27 9.73
N THR A 30 9.25 -4.93 10.51
CA THR A 30 10.56 -4.41 10.88
C THR A 30 11.55 -4.51 9.71
N GLU A 31 12.55 -3.63 9.73
CA GLU A 31 13.66 -3.71 8.78
C GLU A 31 14.13 -5.16 8.63
N LYS A 32 14.34 -5.86 9.75
CA LYS A 32 14.82 -7.27 9.73
C LYS A 32 13.85 -8.24 9.01
N GLU A 33 12.54 -8.13 9.31
CA GLU A 33 11.50 -8.93 8.61
C GLU A 33 11.40 -8.57 7.13
N LYS A 34 11.83 -7.36 6.75
CA LYS A 34 11.91 -6.95 5.33
C LYS A 34 13.36 -7.05 4.74
N GLY A 35 14.30 -7.65 5.48
CA GLY A 35 15.68 -7.70 5.03
C GLY A 35 16.25 -6.34 4.66
N GLN A 36 15.81 -5.29 5.37
CA GLN A 36 16.15 -3.88 5.05
C GLN A 36 15.78 -3.48 3.62
N CYS A 37 14.68 -4.07 3.11
CA CYS A 37 14.19 -3.82 1.77
C CYS A 37 12.67 -4.14 1.66
N GLY A 38 11.87 -3.10 1.67
CA GLY A 38 10.43 -3.26 1.53
C GLY A 38 10.09 -3.80 0.16
N ILE A 39 8.84 -4.23 0.02
CA ILE A 39 8.39 -4.94 -1.16
C ILE A 39 7.95 -4.02 -2.33
N GLY A 40 7.90 -2.71 -2.11
CA GLY A 40 7.60 -1.72 -3.15
C GLY A 40 6.29 -0.94 -3.03
N LYS A 41 5.56 -1.05 -1.90
CA LYS A 41 4.29 -0.35 -1.71
C LYS A 41 4.39 1.15 -1.92
N SER A 42 5.29 1.78 -1.19
CA SER A 42 5.44 3.25 -1.22
C SER A 42 5.81 3.77 -2.61
N CYS A 43 6.79 3.14 -3.25
CA CYS A 43 7.20 3.59 -4.59
C CYS A 43 6.08 3.36 -5.62
N LEU A 44 5.27 2.32 -5.44
CA LEU A 44 4.14 2.07 -6.33
C LEU A 44 3.12 3.22 -6.19
N CYS A 45 2.78 3.54 -4.94
CA CYS A 45 1.83 4.60 -4.62
C CYS A 45 2.33 5.95 -5.10
N ASN A 46 3.60 6.25 -4.82
CA ASN A 46 4.23 7.53 -5.17
C ASN A 46 4.18 7.76 -6.71
N ARG A 47 4.49 6.71 -7.47
CA ARG A 47 4.51 6.82 -8.93
C ARG A 47 3.10 6.94 -9.49
N PHE A 48 2.14 6.28 -8.86
CA PHE A 48 0.75 6.44 -9.28
C PHE A 48 0.22 7.85 -9.02
N VAL A 49 0.40 8.37 -7.81
CA VAL A 49 -0.18 9.65 -7.40
CA VAL A 49 -0.19 9.66 -7.42
C VAL A 49 0.60 10.85 -8.00
N ARG A 50 1.91 10.72 -8.12
CA ARG A 50 2.76 11.83 -8.56
C ARG A 50 3.92 11.27 -9.39
N PRO A 51 3.64 10.92 -10.66
CA PRO A 51 4.54 10.17 -11.54
C PRO A 51 5.72 10.92 -12.17
N SER A 52 5.76 12.23 -12.04
CA SER A 52 6.87 13.03 -12.55
C SER A 52 8.16 12.70 -11.83
N ALA A 53 9.25 12.64 -12.63
CA ALA A 53 10.60 12.35 -12.12
C ALA A 53 10.95 13.24 -10.93
N ASP A 54 10.49 14.49 -10.98
CA ASP A 54 10.74 15.48 -9.93
C ASP A 54 10.04 15.15 -8.62
N GLU A 55 8.96 14.37 -8.70
CA GLU A 55 8.14 14.06 -7.53
C GLU A 55 8.21 12.59 -7.09
N PHE A 56 8.95 11.77 -7.83
CA PHE A 56 9.12 10.35 -7.48
C PHE A 56 10.37 10.13 -6.63
N HIS A 57 10.21 9.47 -5.48
CA HIS A 57 11.31 9.13 -4.57
C HIS A 57 11.43 7.65 -4.46
N LEU A 58 12.66 7.17 -4.54
CA LEU A 58 12.95 5.76 -4.47
C LEU A 58 13.06 5.36 -2.98
N ASP A 59 13.26 6.35 -2.09
CA ASP A 59 13.59 6.07 -0.70
C ASP A 59 12.54 6.63 0.24
N HIS A 60 11.83 5.70 0.89
CA HIS A 60 10.72 5.99 1.82
C HIS A 60 10.89 5.10 3.05
N THR A 61 11.67 5.58 4.01
CA THR A 61 11.93 4.78 5.21
C THR A 61 10.67 4.59 6.09
N SER A 62 10.57 3.46 6.75
CA SER A 62 9.48 3.18 7.66
C SER A 62 10.01 3.12 9.09
N VAL A 63 11.27 3.51 9.26
CA VAL A 63 11.90 3.64 10.60
C VAL A 63 11.78 5.10 11.02
N LEU A 64 10.92 5.37 12.01
CA LEU A 64 10.46 6.72 12.37
C LEU A 64 10.67 7.02 13.84
N SER A 65 10.96 8.26 14.15
CA SER A 65 11.00 8.72 15.53
C SER A 65 9.59 8.79 16.09
N THR A 66 9.47 8.78 17.42
CA THR A 66 8.16 8.95 18.05
C THR A 66 7.49 10.25 17.62
N SER A 67 8.28 11.31 17.46
CA SER A 67 7.74 12.57 16.99
C SER A 67 7.15 12.49 15.56
N ASP A 68 7.86 11.79 14.66
CA ASP A 68 7.45 11.60 13.23
C ASP A 68 6.12 10.81 13.27
N PHE A 69 6.10 9.75 14.07
CA PHE A 69 4.92 8.87 14.15
C PHE A 69 3.69 9.60 14.65
N GLY A 70 3.89 10.57 15.55
CA GLY A 70 2.77 11.34 16.10
C GLY A 70 2.40 12.60 15.37
N GLY A 71 3.11 12.91 14.28
CA GLY A 71 2.76 14.07 13.47
C GLY A 71 1.46 13.84 12.74
N ARG A 72 1.00 14.85 12.02
CA ARG A 72 -0.31 14.77 11.37
C ARG A 72 -0.30 13.93 10.06
N VAL A 73 0.88 13.75 9.42
CA VAL A 73 0.99 12.90 8.25
C VAL A 73 0.85 11.39 8.60
N VAL A 74 1.64 10.90 9.54
CA VAL A 74 1.55 9.50 10.00
C VAL A 74 0.35 9.35 10.95
N ASN A 75 0.14 10.33 11.83
CA ASN A 75 -1.06 10.48 12.63
C ASN A 75 -1.34 9.32 13.57
N ASN A 76 -0.27 8.77 14.16
CA ASN A 76 -0.34 7.57 14.95
C ASN A 76 -0.89 6.31 14.24
N ASP A 77 -0.86 6.27 12.91
CA ASP A 77 -1.35 5.13 12.11
C ASP A 77 -0.20 4.32 11.53
N HIS A 78 -0.46 3.06 11.21
CA HIS A 78 0.45 2.26 10.41
C HIS A 78 0.03 2.27 8.91
N PHE A 79 -0.66 3.33 8.50
CA PHE A 79 -0.91 3.54 7.08
C PHE A 79 -0.63 5.00 6.71
N LEU A 80 -0.41 5.21 5.41
CA LEU A 80 -0.16 6.52 4.83
C LEU A 80 -1.26 6.85 3.86
N TYR A 81 -1.66 8.12 3.83
CA TYR A 81 -2.57 8.63 2.83
C TYR A 81 -1.75 9.28 1.75
N TRP A 82 -1.71 8.65 0.59
CA TRP A 82 -0.86 9.11 -0.52
C TRP A 82 -1.49 10.18 -1.38
N GLY A 83 -2.82 10.36 -1.27
CA GLY A 83 -3.51 11.47 -1.89
C GLY A 83 -4.58 11.04 -2.85
N GLU A 84 -4.99 11.96 -3.68
CA GLU A 84 -6.14 11.79 -4.59
C GLU A 84 -5.67 11.82 -6.05
N VAL A 85 -6.16 10.90 -6.87
CA VAL A 85 -5.83 10.90 -8.29
C VAL A 85 -7.12 11.18 -9.04
N SER A 86 -7.07 12.14 -9.97
CA SER A 86 -8.26 12.67 -10.63
C SER A 86 -8.04 12.78 -12.15
N LYS A 96 -12.55 9.99 -8.99
CA LYS A 96 -11.55 10.24 -7.92
C LYS A 96 -11.12 8.93 -7.21
N MET A 97 -9.81 8.75 -7.10
CA MET A 97 -9.22 7.62 -6.41
C MET A 97 -8.43 8.16 -5.19
N HIS A 98 -8.68 7.61 -4.02
CA HIS A 98 -7.93 7.97 -2.81
C HIS A 98 -7.05 6.78 -2.47
N ILE A 99 -5.75 7.01 -2.27
CA ILE A 99 -4.80 5.92 -2.20
C ILE A 99 -4.17 5.85 -0.78
N VAL A 100 -4.28 4.68 -0.13
CA VAL A 100 -3.63 4.42 1.15
CA VAL A 100 -3.62 4.43 1.15
C VAL A 100 -2.65 3.25 1.02
N GLU A 101 -1.55 3.33 1.75
CA GLU A 101 -0.60 2.25 1.87
C GLU A 101 -0.66 1.72 3.31
N GLN A 102 -0.95 0.43 3.45
CA GLN A 102 -0.90 -0.23 4.77
C GLN A 102 0.50 -0.77 4.96
N THR A 103 1.17 -0.29 6.02
CA THR A 103 2.53 -0.71 6.25
C THR A 103 2.81 -0.94 7.76
N GLU A 104 4.06 -0.81 8.17
CA GLU A 104 4.35 -0.92 9.61
C GLU A 104 5.57 -0.05 9.92
N PHE A 105 5.40 0.86 10.86
CA PHE A 105 6.42 1.82 11.24
C PHE A 105 7.09 1.36 12.50
N ILE A 106 8.40 1.46 12.50
CA ILE A 106 9.16 1.02 13.67
CA ILE A 106 9.24 1.02 13.62
C ILE A 106 9.90 2.21 14.28
N ASP A 107 10.14 2.13 15.61
CA ASP A 107 10.82 3.20 16.33
C ASP A 107 12.32 3.28 15.97
N ASP A 108 12.86 4.48 15.85
CA ASP A 108 14.22 4.66 15.29
C ASP A 108 15.34 4.43 16.33
N GLN A 109 14.94 4.09 17.56
CA GLN A 109 15.90 3.70 18.61
C GLN A 109 15.73 2.25 19.10
N THR A 110 14.47 1.84 19.40
CA THR A 110 14.13 0.48 19.90
C THR A 110 13.91 -0.59 18.80
N PHE A 111 13.61 -0.12 17.59
CA PHE A 111 13.38 -0.96 16.42
C PHE A 111 12.24 -1.96 16.60
N GLN A 112 11.28 -1.61 17.43
CA GLN A 112 10.08 -2.41 17.55
C GLN A 112 8.96 -1.57 16.94
N PRO A 113 7.89 -2.22 16.55
CA PRO A 113 6.81 -1.39 15.98
C PRO A 113 6.28 -0.29 16.92
N HIS A 114 6.05 0.91 16.40
CA HIS A 114 5.33 1.94 17.15
C HIS A 114 4.00 1.42 17.71
N ARG A 115 3.79 1.63 19.00
CA ARG A 115 2.62 1.08 19.74
C ARG A 115 2.46 -0.44 19.76
N SER A 116 3.60 -1.15 19.79
CA SER A 116 3.64 -2.58 19.54
C SER A 116 2.60 -3.39 20.31
N THR A 117 2.53 -3.17 21.61
CA THR A 117 1.63 -3.93 22.49
C THR A 117 0.15 -3.68 22.15
N ALA A 118 -0.15 -2.46 21.68
CA ALA A 118 -1.49 -2.07 21.26
C ALA A 118 -1.92 -2.58 19.86
N LEU A 119 -0.98 -3.05 19.05
CA LEU A 119 -1.24 -3.35 17.62
C LEU A 119 -1.84 -4.69 17.34
N GLN A 120 -2.80 -4.74 16.41
CA GLN A 120 -3.19 -6.00 15.74
C GLN A 120 -2.00 -6.45 14.87
N PRO A 121 -1.88 -7.76 14.59
CA PRO A 121 -0.84 -8.06 13.63
C PRO A 121 -1.17 -7.44 12.26
N TYR A 122 -0.13 -7.20 11.47
CA TYR A 122 -0.27 -6.52 10.17
C TYR A 122 -1.38 -7.14 9.31
N ILE A 123 -1.42 -8.47 9.18
CA ILE A 123 -2.37 -9.12 8.29
C ILE A 123 -3.84 -8.77 8.60
N LYS A 124 -4.14 -8.62 9.88
CA LYS A 124 -5.45 -8.20 10.31
C LYS A 124 -5.67 -6.71 10.14
N ARG A 125 -4.69 -5.92 10.57
CA ARG A 125 -4.68 -4.49 10.41
C ARG A 125 -4.85 -4.09 8.93
N ALA A 126 -4.08 -4.74 8.07
CA ALA A 126 -4.01 -4.37 6.62
C ALA A 126 -5.33 -4.63 5.90
N ALA A 127 -6.13 -5.58 6.43
CA ALA A 127 -7.42 -6.00 5.84
C ALA A 127 -8.57 -5.14 6.31
N ALA A 128 -8.28 -4.13 7.13
CA ALA A 128 -9.30 -3.17 7.60
C ALA A 128 -9.98 -2.45 6.43
N THR A 129 -11.30 -2.31 6.53
CA THR A 129 -12.02 -1.60 5.49
C THR A 129 -12.59 -0.26 5.94
N LYS A 130 -12.50 0.07 7.23
CA LYS A 130 -12.90 1.40 7.69
C LYS A 130 -11.69 2.03 8.31
N LEU A 131 -11.21 3.09 7.69
CA LEU A 131 -9.95 3.75 8.08
C LEU A 131 -10.21 5.18 8.46
N ALA A 132 -10.45 5.39 9.74
CA ALA A 132 -10.70 6.71 10.27
C ALA A 132 -9.39 7.17 10.80
N SER A 133 -8.89 8.24 10.21
CA SER A 133 -7.83 8.99 10.84
C SER A 133 -8.09 10.48 10.63
N ALA A 134 -8.66 11.12 11.65
CA ALA A 134 -9.12 12.47 11.52
C ALA A 134 -7.95 13.43 11.38
N GLU A 135 -8.08 14.30 10.39
CA GLU A 135 -7.15 15.36 10.07
C GLU A 135 -5.79 14.86 9.63
N LYS A 136 -5.76 13.63 9.11
CA LYS A 136 -4.57 13.07 8.54
C LYS A 136 -4.21 13.84 7.28
N LEU A 137 -2.93 14.19 7.16
CA LEU A 137 -2.42 14.87 6.00
C LEU A 137 -1.82 13.90 4.98
N MET A 138 -1.87 14.29 3.72
CA MET A 138 -1.28 13.53 2.64
C MET A 138 0.26 13.44 2.81
N TYR A 139 0.79 12.27 2.55
CA TYR A 139 2.24 12.00 2.63
C TYR A 139 2.96 12.25 1.31
N PHE A 140 4.08 13.01 1.38
CA PHE A 140 5.03 13.17 0.26
C PHE A 140 6.28 12.37 0.44
N CYS A 141 6.93 12.55 1.60
CA CYS A 141 8.21 11.91 1.91
C CYS A 141 8.55 12.03 3.41
N THR A 142 9.51 11.25 3.87
CA THR A 142 9.85 11.27 5.31
C THR A 142 10.47 12.65 5.77
N ASP A 143 11.07 13.39 4.82
CA ASP A 143 11.52 14.81 5.00
C ASP A 143 10.42 15.73 5.50
N GLN A 144 9.23 15.49 4.96
CA GLN A 144 8.06 16.24 5.33
C GLN A 144 7.78 16.09 6.81
N LEU A 145 8.10 14.93 7.41
CA LEU A 145 7.53 14.57 8.70
C LEU A 145 8.12 15.47 9.81
N GLY A 146 7.25 15.95 10.68
CA GLY A 146 7.61 16.99 11.67
C GLY A 146 8.08 18.32 11.06
N LEU A 147 7.78 18.51 9.76
CA LEU A 147 8.18 19.69 9.00
C LEU A 147 7.09 19.92 7.94
N GLU A 148 5.84 19.72 8.35
CA GLU A 148 4.73 19.53 7.41
C GLU A 148 4.26 20.89 6.84
N GLN A 149 4.48 21.95 7.62
CA GLN A 149 4.34 23.33 7.12
C GLN A 149 5.16 23.57 5.83
N ASP A 150 6.26 22.82 5.64
CA ASP A 150 7.10 22.95 4.43
C ASP A 150 6.50 22.34 3.16
N PHE A 151 5.43 21.56 3.32
CA PHE A 151 4.77 20.93 2.17
C PHE A 151 3.32 21.35 2.10
N GLU A 152 2.72 21.05 0.96
CA GLU A 152 1.30 21.18 0.77
C GLU A 152 0.58 20.34 1.83
N GLN A 153 -0.48 20.90 2.41
CA GLN A 153 -1.26 20.24 3.47
C GLN A 153 -2.66 19.88 2.98
N LYS A 154 -2.78 18.72 2.36
CA LYS A 154 -4.05 18.18 1.93
C LYS A 154 -4.49 17.10 2.89
N GLN A 155 -5.69 17.25 3.46
CA GLN A 155 -6.27 16.33 4.42
C GLN A 155 -6.96 15.13 3.72
N MET A 156 -6.83 13.95 4.32
CA MET A 156 -7.61 12.77 3.91
C MET A 156 -9.12 13.08 4.00
N PRO A 157 -9.92 12.72 2.98
CA PRO A 157 -11.34 13.14 3.00
C PRO A 157 -12.14 12.60 4.17
N ASP A 158 -12.87 13.53 4.83
CA ASP A 158 -13.83 13.24 5.91
C ASP A 158 -13.18 12.64 7.16
N GLY A 159 -11.83 12.63 7.20
CA GLY A 159 -11.02 11.92 8.23
C GLY A 159 -11.15 10.40 8.25
N LYS A 160 -11.84 9.88 7.21
CA LYS A 160 -12.29 8.49 7.14
C LYS A 160 -12.36 8.00 5.68
N LEU A 161 -11.92 6.76 5.44
CA LEU A 161 -12.06 6.12 4.14
C LEU A 161 -12.70 4.73 4.32
N LEU A 162 -13.75 4.46 3.55
CA LEU A 162 -14.29 3.13 3.45
C LEU A 162 -13.67 2.47 2.21
N VAL A 163 -12.82 1.47 2.46
CA VAL A 163 -11.99 0.81 1.41
C VAL A 163 -12.90 0.08 0.42
N ASP A 164 -12.69 0.36 -0.87
CA ASP A 164 -13.44 -0.30 -1.96
C ASP A 164 -12.72 -1.53 -2.53
N GLY A 165 -11.39 -1.56 -2.42
CA GLY A 165 -10.58 -2.65 -2.98
C GLY A 165 -9.13 -2.60 -2.52
N PHE A 166 -8.41 -3.69 -2.77
CA PHE A 166 -7.02 -3.88 -2.38
C PHE A 166 -6.12 -4.21 -3.56
N LEU A 167 -4.90 -3.62 -3.56
CA LEU A 167 -3.83 -4.11 -4.38
C LEU A 167 -2.93 -4.93 -3.48
N LEU A 168 -2.71 -6.20 -3.83
CA LEU A 168 -1.87 -7.10 -3.02
C LEU A 168 -0.49 -7.23 -3.67
N GLY A 169 0.47 -6.51 -3.10
CA GLY A 169 1.82 -6.43 -3.65
C GLY A 169 2.68 -7.65 -3.37
N ILE A 170 3.44 -8.07 -4.37
CA ILE A 170 4.44 -9.16 -4.25
C ILE A 170 5.75 -8.75 -4.95
N ASP A 171 6.81 -8.62 -4.19
CA ASP A 171 8.11 -8.28 -4.72
C ASP A 171 8.70 -9.50 -5.41
N VAL A 172 8.92 -9.44 -6.73
CA VAL A 172 9.39 -10.60 -7.48
C VAL A 172 10.84 -10.41 -7.99
N SER A 173 11.52 -9.42 -7.43
CA SER A 173 12.86 -9.05 -7.85
C SER A 173 13.91 -9.97 -7.19
N ARG A 174 15.03 -10.16 -7.91
CA ARG A 174 16.23 -10.86 -7.39
C ARG A 174 16.95 -10.04 -6.31
N ASN A 179 14.05 -13.58 1.01
CA ASN A 179 13.48 -14.92 1.13
C ASN A 179 12.08 -15.01 0.52
N PHE A 180 12.03 -15.35 -0.76
CA PHE A 180 10.77 -15.25 -1.54
C PHE A 180 9.68 -16.20 -1.07
N ASP A 181 10.02 -17.43 -0.73
CA ASP A 181 8.99 -18.40 -0.34
C ASP A 181 8.29 -18.02 0.96
N ASP A 182 9.01 -17.43 1.91
CA ASP A 182 8.36 -16.90 3.11
C ASP A 182 7.50 -15.70 2.77
N GLN A 183 7.91 -14.87 1.80
CA GLN A 183 7.06 -13.75 1.36
C GLN A 183 5.73 -14.29 0.88
N LEU A 184 5.76 -15.30 0.01
CA LEU A 184 4.55 -15.83 -0.62
C LEU A 184 3.64 -16.49 0.43
N LYS A 185 4.24 -17.12 1.44
CA LYS A 185 3.46 -17.66 2.58
C LYS A 185 2.69 -16.55 3.31
N PHE A 186 3.38 -15.46 3.59
CA PHE A 186 2.78 -14.28 4.20
C PHE A 186 1.65 -13.69 3.32
N VAL A 187 1.94 -13.57 2.03
CA VAL A 187 0.96 -13.09 1.03
C VAL A 187 -0.28 -13.99 1.03
N SER A 188 -0.05 -15.31 1.10
CA SER A 188 -1.19 -16.21 1.14
C SER A 188 -2.05 -15.98 2.41
N ASN A 189 -1.43 -15.77 3.57
CA ASN A 189 -2.17 -15.52 4.80
C ASN A 189 -2.87 -14.16 4.75
N LEU A 190 -2.17 -13.16 4.21
CA LEU A 190 -2.77 -11.83 4.01
C LEU A 190 -3.97 -11.90 3.06
N TYR A 191 -3.82 -12.67 1.98
CA TYR A 191 -4.89 -12.82 0.98
C TYR A 191 -6.15 -13.36 1.66
N ASN A 192 -5.99 -14.38 2.49
CA ASN A 192 -7.15 -14.97 3.16
C ASN A 192 -7.92 -13.92 3.97
N GLN A 193 -7.18 -13.08 4.73
CA GLN A 193 -7.80 -11.98 5.46
C GLN A 193 -8.53 -10.98 4.54
N LEU A 194 -7.90 -10.62 3.42
CA LEU A 194 -8.53 -9.73 2.45
C LEU A 194 -9.79 -10.36 1.87
N ALA A 195 -9.73 -11.65 1.52
CA ALA A 195 -10.86 -12.35 0.86
C ALA A 195 -12.09 -12.41 1.78
N LYS A 196 -11.85 -12.50 3.10
CA LYS A 196 -12.93 -12.46 4.11
C LYS A 196 -13.74 -11.15 4.03
N THR A 197 -13.12 -10.06 3.55
CA THR A 197 -13.82 -8.75 3.42
C THR A 197 -14.80 -8.74 2.30
N LYS A 198 -14.61 -9.66 1.37
CA LYS A 198 -15.33 -9.74 0.09
C LYS A 198 -15.12 -8.52 -0.82
N LYS A 199 -14.13 -7.70 -0.52
CA LYS A 199 -13.73 -6.60 -1.38
C LYS A 199 -12.86 -7.12 -2.54
N PRO A 200 -12.97 -6.48 -3.73
CA PRO A 200 -12.14 -6.85 -4.88
C PRO A 200 -10.64 -6.73 -4.56
N ILE A 201 -9.86 -7.70 -5.04
CA ILE A 201 -8.42 -7.72 -4.90
C ILE A 201 -7.74 -7.98 -6.27
N VAL A 202 -6.69 -7.20 -6.54
CA VAL A 202 -5.77 -7.42 -7.65
C VAL A 202 -4.35 -7.64 -7.09
N VAL A 203 -3.69 -8.68 -7.58
CA VAL A 203 -2.30 -8.99 -7.22
C VAL A 203 -1.43 -8.09 -8.12
N VAL A 204 -0.48 -7.39 -7.51
CA VAL A 204 0.45 -6.54 -8.23
C VAL A 204 1.87 -7.06 -8.00
N LEU A 205 2.55 -7.47 -9.08
CA LEU A 205 3.92 -7.87 -8.95
C LEU A 205 4.77 -6.63 -9.06
N THR A 206 5.62 -6.42 -8.07
CA THR A 206 6.43 -5.21 -8.00
C THR A 206 7.94 -5.49 -8.33
N LYS A 207 8.59 -4.42 -8.76
CA LYS A 207 10.00 -4.38 -9.12
C LYS A 207 10.30 -5.35 -10.25
N CYS A 208 9.41 -5.40 -11.26
CA CYS A 208 9.56 -6.37 -12.34
C CYS A 208 10.70 -5.98 -13.28
N ASP A 209 11.16 -4.75 -13.20
CA ASP A 209 12.43 -4.36 -13.90
C ASP A 209 13.64 -5.20 -13.48
N GLU A 210 13.57 -5.81 -12.29
CA GLU A 210 14.58 -6.76 -11.82
C GLU A 210 13.97 -8.10 -11.52
N GLY A 211 12.92 -8.43 -12.25
CA GLY A 211 12.13 -9.59 -11.92
C GLY A 211 12.87 -10.90 -12.14
N VAL A 212 12.55 -11.87 -11.29
CA VAL A 212 13.01 -13.26 -11.41
C VAL A 212 11.90 -14.12 -11.98
N GLU A 213 12.17 -14.87 -13.04
CA GLU A 213 11.09 -15.63 -13.67
C GLU A 213 10.47 -16.67 -12.72
N ARG A 214 11.29 -17.30 -11.87
CA ARG A 214 10.77 -18.32 -10.92
C ARG A 214 9.79 -17.69 -9.93
N TYR A 215 10.11 -16.47 -9.50
CA TYR A 215 9.25 -15.73 -8.56
C TYR A 215 7.96 -15.30 -9.26
N ILE A 216 8.09 -14.73 -10.45
CA ILE A 216 6.92 -14.32 -11.24
C ILE A 216 5.99 -15.52 -11.46
N ARG A 217 6.56 -16.64 -11.90
CA ARG A 217 5.81 -17.87 -12.11
C ARG A 217 5.09 -18.37 -10.84
N ASP A 218 5.80 -18.41 -9.72
CA ASP A 218 5.19 -18.81 -8.46
C ASP A 218 4.04 -17.89 -8.03
N ALA A 219 4.18 -16.58 -8.28
CA ALA A 219 3.12 -15.60 -7.93
C ALA A 219 1.89 -15.85 -8.78
N HIS A 220 2.12 -16.14 -10.06
CA HIS A 220 1.03 -16.43 -10.97
C HIS A 220 0.33 -17.74 -10.56
N THR A 221 1.10 -18.75 -10.17
CA THR A 221 0.51 -20.01 -9.68
C THR A 221 -0.37 -19.79 -8.47
N PHE A 222 0.11 -18.98 -7.52
CA PHE A 222 -0.71 -18.60 -6.37
C PHE A 222 -2.03 -17.93 -6.81
N ALA A 223 -1.98 -16.97 -7.73
CA ALA A 223 -3.21 -16.24 -8.11
C ALA A 223 -4.16 -17.14 -8.89
N LEU A 224 -3.60 -18.06 -9.68
CA LEU A 224 -4.41 -19.05 -10.39
C LEU A 224 -5.08 -20.07 -9.45
N SER A 225 -4.56 -20.24 -8.25
CA SER A 225 -5.20 -21.12 -7.27
C SER A 225 -6.46 -20.51 -6.69
N LYS A 226 -6.68 -19.21 -6.94
CA LYS A 226 -7.83 -18.49 -6.41
C LYS A 226 -8.83 -18.25 -7.50
N LYS A 227 -10.01 -17.78 -7.09
CA LYS A 227 -11.12 -17.52 -7.99
C LYS A 227 -10.96 -16.13 -8.59
N ASN A 228 -10.79 -16.10 -9.91
CA ASN A 228 -10.71 -14.87 -10.73
C ASN A 228 -9.77 -13.76 -10.17
N LEU A 229 -8.56 -14.14 -9.75
CA LEU A 229 -7.60 -13.18 -9.18
C LEU A 229 -6.62 -12.76 -10.27
N GLN A 230 -6.69 -11.48 -10.69
CA GLN A 230 -5.84 -10.98 -11.73
C GLN A 230 -4.50 -10.58 -11.16
N VAL A 231 -3.49 -10.62 -12.02
CA VAL A 231 -2.10 -10.25 -11.70
C VAL A 231 -1.66 -9.21 -12.71
N VAL A 232 -1.26 -8.01 -12.23
CA VAL A 232 -0.66 -6.96 -13.05
C VAL A 232 0.82 -6.84 -12.70
N GLU A 233 1.68 -6.90 -13.73
CA GLU A 233 3.14 -6.89 -13.53
C GLU A 233 3.64 -5.48 -13.65
N THR A 234 4.24 -4.96 -12.57
CA THR A 234 4.62 -3.53 -12.50
C THR A 234 6.12 -3.25 -12.22
N SER A 235 6.53 -2.04 -12.60
CA SER A 235 7.75 -1.42 -12.08
C SER A 235 7.50 0.05 -11.79
N ALA A 236 7.55 0.40 -10.51
CA ALA A 236 7.45 1.79 -10.09
C ALA A 236 8.71 2.52 -10.60
N ARG A 237 9.86 1.84 -10.56
CA ARG A 237 11.16 2.43 -10.92
C ARG A 237 11.19 2.82 -12.42
N SER A 238 10.84 1.87 -13.28
CA SER A 238 10.79 2.10 -14.75
C SER A 238 9.46 2.67 -15.26
N ASN A 239 8.47 2.82 -14.37
CA ASN A 239 7.14 3.36 -14.66
C ASN A 239 6.45 2.55 -15.74
N VAL A 240 6.25 1.29 -15.41
CA VAL A 240 5.54 0.34 -16.25
C VAL A 240 4.33 -0.22 -15.50
N ASN A 241 3.15 -0.11 -16.13
CA ASN A 241 1.90 -0.75 -15.71
C ASN A 241 1.40 -0.28 -14.33
N VAL A 242 1.84 0.90 -13.90
CA VAL A 242 1.43 1.45 -12.59
C VAL A 242 -0.04 1.87 -12.69
N ASP A 243 -0.38 2.73 -13.66
CA ASP A 243 -1.80 3.12 -13.88
C ASP A 243 -2.70 1.88 -14.13
N LEU A 244 -2.18 0.92 -14.91
CA LEU A 244 -2.92 -0.28 -15.25
C LEU A 244 -3.34 -1.08 -13.99
N ALA A 245 -2.43 -1.15 -13.02
CA ALA A 245 -2.71 -1.90 -11.77
C ALA A 245 -3.92 -1.30 -11.10
N PHE A 246 -3.92 0.02 -10.98
CA PHE A 246 -4.98 0.72 -10.30
C PHE A 246 -6.26 0.67 -11.14
N SER A 247 -6.14 0.87 -12.45
CA SER A 247 -7.36 0.92 -13.30
C SER A 247 -8.06 -0.41 -13.29
N THR A 248 -7.24 -1.48 -13.31
CA THR A 248 -7.73 -2.86 -13.26
C THR A 248 -8.60 -3.08 -12.01
N LEU A 249 -8.14 -2.59 -10.86
CA LEU A 249 -8.92 -2.66 -9.66
C LEU A 249 -10.22 -1.83 -9.70
N VAL A 250 -10.14 -0.60 -10.22
CA VAL A 250 -11.29 0.30 -10.32
C VAL A 250 -12.39 -0.40 -11.17
N GLN A 251 -11.97 -1.01 -12.28
CA GLN A 251 -12.88 -1.78 -13.14
CA GLN A 251 -12.88 -1.78 -13.14
C GLN A 251 -13.56 -2.90 -12.37
N LEU A 252 -12.78 -3.65 -11.58
CA LEU A 252 -13.32 -4.75 -10.76
CA LEU A 252 -13.30 -4.75 -10.76
C LEU A 252 -14.27 -4.24 -9.69
N ILE A 253 -13.97 -3.09 -9.10
CA ILE A 253 -14.81 -2.50 -8.07
C ILE A 253 -16.24 -2.24 -8.61
N ASP A 254 -16.32 -1.78 -9.86
CA ASP A 254 -17.61 -1.36 -10.44
C ASP A 254 -18.39 -2.53 -11.03
N LYS A 255 -17.81 -3.70 -11.17
CA LYS A 255 -18.57 -4.83 -11.69
C LYS A 255 -19.91 -5.06 -10.96
#